data_5UNN
#
_entry.id   5UNN
#
_cell.length_a   128.592
_cell.length_b   128.592
_cell.length_c   122.847
_cell.angle_alpha   90.000
_cell.angle_beta   90.000
_cell.angle_gamma   90.000
#
_symmetry.space_group_name_H-M   'I 41'
#
loop_
_entity.id
_entity.type
_entity.pdbx_description
1 polymer 'NADPH-dependent glyoxylate/hydroxypyruvate reductase'
2 non-polymer GLYCEROL
3 non-polymer 'CHLORIDE ION'
4 water water
#
_entity_poly.entity_id   1
_entity_poly.type   'polypeptide(L)'
_entity_poly.pdbx_seq_one_letter_code
;MPAKSPVIVDLKFIPEEVEAALAGAFPGREVIDLADPAHQERDLSGIDYAVVWKSAPDLFSRAPDLKVVFSGGAGVDHVL
TLPGLPDVPLVRFVDRTLTTRMSEWVMMQCLLHLRQHRAYEALAKKHEWRDLSQPEAADVTVGIMGMGVLGQDAARKLAA
MGFKVIGWSRSKRVIEGVETYDAAGLDAFLGRTDFLVGLLPLTPDTRGIFNAALFAKLSRNGPFGAPVFINAGRGGSQVE
ADILECLDSGVLGGASLDVFEREPLSPESRFWDMPNVYVTPHVAASSDVRALFVHVEHQIARFESGLPLEHVVDKVAGY
;
_entity_poly.pdbx_strand_id   A,B
#
loop_
_chem_comp.id
_chem_comp.type
_chem_comp.name
_chem_comp.formula
CL non-polymer 'CHLORIDE ION' 'Cl -1'
GOL non-polymer GLYCEROL 'C3 H8 O3'
#
# COMPACT_ATOMS: atom_id res chain seq x y z
N VAL A 7 -24.29 -1.71 -27.41
CA VAL A 7 -22.89 -1.19 -27.43
C VAL A 7 -21.91 -2.35 -27.63
N ILE A 8 -20.96 -2.18 -28.56
CA ILE A 8 -19.91 -3.16 -28.80
C ILE A 8 -18.83 -2.97 -27.71
N VAL A 9 -18.47 -4.07 -27.03
CA VAL A 9 -17.40 -4.09 -26.04
C VAL A 9 -16.34 -5.10 -26.49
N ASP A 10 -15.13 -4.62 -26.78
CA ASP A 10 -13.98 -5.49 -27.07
C ASP A 10 -12.75 -5.00 -26.29
N LEU A 11 -12.56 -5.55 -25.09
CA LEU A 11 -11.53 -5.09 -24.15
C LEU A 11 -10.67 -6.25 -23.68
N LYS A 12 -9.35 -6.15 -23.86
CA LYS A 12 -8.41 -7.14 -23.31
C LYS A 12 -8.01 -6.76 -21.88
N PHE A 13 -9.02 -6.74 -21.02
CA PHE A 13 -8.88 -6.49 -19.59
C PHE A 13 -9.11 -7.83 -18.89
N ILE A 14 -9.25 -7.83 -17.57
CA ILE A 14 -9.68 -9.01 -16.83
C ILE A 14 -11.13 -9.32 -17.25
N PRO A 15 -11.37 -10.44 -17.96
CA PRO A 15 -12.71 -10.70 -18.52
C PRO A 15 -13.83 -10.77 -17.46
N GLU A 16 -13.51 -11.33 -16.29
CA GLU A 16 -14.48 -11.46 -15.20
C GLU A 16 -14.93 -10.09 -14.67
N GLU A 17 -13.98 -9.15 -14.59
CA GLU A 17 -14.25 -7.77 -14.16
C GLU A 17 -15.10 -7.00 -15.19
N VAL A 18 -14.90 -7.30 -16.48
CA VAL A 18 -15.71 -6.74 -17.58
C VAL A 18 -17.13 -7.29 -17.54
N GLU A 19 -17.24 -8.62 -17.51
CA GLU A 19 -18.54 -9.31 -17.42
C GLU A 19 -19.35 -8.83 -16.21
N ALA A 20 -18.72 -8.78 -15.05
CA ALA A 20 -19.35 -8.27 -13.82
C ALA A 20 -19.81 -6.82 -13.93
N ALA A 21 -19.01 -5.99 -14.59
CA ALA A 21 -19.31 -4.56 -14.75
C ALA A 21 -20.41 -4.24 -15.77
N LEU A 22 -20.76 -5.20 -16.63
CA LEU A 22 -21.87 -5.00 -17.59
C LEU A 22 -23.25 -5.04 -16.90
N ALA A 23 -23.36 -5.73 -15.77
CA ALA A 23 -24.59 -5.76 -14.97
C ALA A 23 -24.86 -4.40 -14.32
N GLY A 24 -25.71 -3.59 -14.97
CA GLY A 24 -26.00 -2.22 -14.55
C GLY A 24 -25.60 -1.21 -15.61
N ALA A 25 -24.45 -1.44 -16.24
CA ALA A 25 -23.92 -0.56 -17.29
C ALA A 25 -24.74 -0.64 -18.58
N PHE A 26 -24.97 0.52 -19.20
CA PHE A 26 -25.75 0.64 -20.44
C PHE A 26 -27.15 0.01 -20.30
N PRO A 27 -27.98 0.56 -19.38
CA PRO A 27 -29.26 -0.08 -18.99
C PRO A 27 -30.29 -0.24 -20.14
N VAL A 31 -25.82 -4.89 -25.47
CA VAL A 31 -24.44 -5.08 -25.01
C VAL A 31 -23.79 -6.26 -25.76
N ILE A 32 -23.23 -5.99 -26.93
CA ILE A 32 -22.55 -7.00 -27.75
C ILE A 32 -21.10 -7.18 -27.27
N ASP A 33 -20.94 -7.95 -26.20
CA ASP A 33 -19.62 -8.21 -25.59
C ASP A 33 -18.86 -9.26 -26.43
N LEU A 34 -17.89 -8.78 -27.21
CA LEU A 34 -17.17 -9.63 -28.19
C LEU A 34 -16.17 -10.64 -27.59
N ALA A 35 -16.04 -10.68 -26.26
CA ALA A 35 -15.36 -11.78 -25.56
C ALA A 35 -16.22 -13.04 -25.39
N ASP A 36 -17.52 -12.97 -25.72
CA ASP A 36 -18.43 -14.12 -25.59
C ASP A 36 -18.14 -15.20 -26.63
N VAL A 51 -16.78 0.77 -27.44
CA VAL A 51 -15.86 0.64 -26.28
C VAL A 51 -14.78 -0.40 -26.62
N VAL A 52 -13.56 0.06 -26.89
CA VAL A 52 -12.49 -0.80 -27.43
C VAL A 52 -11.12 -0.60 -26.79
N TRP A 53 -10.43 -1.72 -26.54
CA TRP A 53 -9.03 -1.74 -26.10
C TRP A 53 -8.36 -3.00 -26.68
N LYS A 54 -7.55 -2.81 -27.73
CA LYS A 54 -6.92 -3.91 -28.47
C LYS A 54 -7.97 -4.90 -28.99
N SER A 55 -8.80 -4.41 -29.91
CA SER A 55 -9.97 -5.13 -30.41
C SER A 55 -9.61 -6.28 -31.35
N PHE A 70 -14.99 4.63 -28.51
CA PHE A 70 -14.50 4.93 -27.16
C PHE A 70 -13.31 4.06 -26.75
N SER A 71 -12.17 4.71 -26.47
CA SER A 71 -10.98 4.00 -25.99
C SER A 71 -11.18 3.52 -24.54
N GLY A 72 -10.59 2.36 -24.24
CA GLY A 72 -10.68 1.76 -22.91
C GLY A 72 -9.74 2.38 -21.88
N GLY A 73 -8.67 3.01 -22.34
CA GLY A 73 -7.68 3.65 -21.46
C GLY A 73 -7.31 5.04 -21.96
N ALA A 74 -6.12 5.51 -21.56
CA ALA A 74 -5.59 6.81 -21.97
C ALA A 74 -4.75 6.65 -23.24
N VAL A 91 -12.32 9.49 -28.76
CA VAL A 91 -12.75 9.80 -27.38
C VAL A 91 -12.00 8.97 -26.33
N ARG A 92 -10.99 9.56 -25.69
CA ARG A 92 -10.14 8.87 -24.68
C ARG A 92 -10.77 8.84 -23.27
N PHE A 93 -10.39 7.82 -22.51
CA PHE A 93 -10.79 7.68 -21.10
C PHE A 93 -9.70 8.21 -20.17
N VAL A 94 -10.01 9.28 -19.45
CA VAL A 94 -9.08 9.89 -18.48
C VAL A 94 -9.57 9.46 -17.10
N ASP A 95 -9.02 8.36 -16.57
CA ASP A 95 -9.40 7.84 -15.25
C ASP A 95 -8.81 8.73 -14.17
N ARG A 96 -9.67 9.43 -13.46
CA ARG A 96 -9.25 10.41 -12.47
C ARG A 96 -8.67 9.77 -11.22
N THR A 97 -8.88 8.46 -11.03
CA THR A 97 -8.36 7.76 -9.85
C THR A 97 -6.91 7.25 -10.02
N LEU A 98 -6.31 7.39 -11.19
CA LEU A 98 -4.97 6.80 -11.41
C LEU A 98 -3.90 7.38 -10.48
N THR A 99 -3.96 8.68 -10.24
CA THR A 99 -2.96 9.32 -9.38
C THR A 99 -3.03 8.78 -7.97
N THR A 100 -4.21 8.79 -7.37
CA THR A 100 -4.32 8.29 -6.00
C THR A 100 -3.97 6.79 -5.87
N ARG A 101 -4.34 5.98 -6.88
CA ARG A 101 -3.96 4.56 -6.91
C ARG A 101 -2.43 4.39 -6.95
N MET A 102 -1.76 5.19 -7.79
CA MET A 102 -0.31 5.13 -7.90
C MET A 102 0.35 5.45 -6.55
N SER A 103 -0.15 6.49 -5.88
CA SER A 103 0.39 6.85 -4.58
C SER A 103 0.19 5.77 -3.52
N GLU A 104 -0.88 4.98 -3.62
CA GLU A 104 -1.02 3.81 -2.71
C GLU A 104 0.16 2.85 -2.90
N TRP A 105 0.47 2.54 -4.15
CA TRP A 105 1.56 1.61 -4.47
C TRP A 105 2.90 2.15 -4.00
N VAL A 106 3.17 3.43 -4.29
CA VAL A 106 4.43 4.04 -3.92
C VAL A 106 4.57 4.04 -2.38
N MET A 107 3.51 4.46 -1.68
CA MET A 107 3.52 4.44 -0.20
C MET A 107 3.77 3.02 0.33
N MET A 108 3.08 2.05 -0.25
CA MET A 108 3.26 0.67 0.18
C MET A 108 4.72 0.21 0.04
N GLN A 109 5.36 0.55 -1.10
CA GLN A 109 6.76 0.16 -1.27
C GLN A 109 7.68 0.82 -0.24
N CYS A 110 7.51 2.11 -0.04
CA CYS A 110 8.33 2.82 0.93
C CYS A 110 8.18 2.25 2.34
N LEU A 111 6.95 1.88 2.72
CA LEU A 111 6.72 1.24 4.02
C LEU A 111 7.25 -0.18 4.12
N LEU A 112 7.06 -0.98 3.07
CA LEU A 112 7.62 -2.34 3.05
C LEU A 112 9.14 -2.34 3.25
N HIS A 113 9.84 -1.42 2.59
CA HIS A 113 11.28 -1.30 2.76
C HIS A 113 11.66 -0.70 4.11
N LEU A 114 11.00 0.40 4.51
CA LEU A 114 11.29 1.06 5.80
C LEU A 114 11.11 0.08 6.97
N ARG A 115 10.00 -0.63 6.95
CA ARG A 115 9.60 -1.51 8.07
C ARG A 115 10.11 -2.94 7.95
N GLN A 116 11.06 -3.17 7.05
CA GLN A 116 11.80 -4.41 6.99
C GLN A 116 10.90 -5.64 6.84
N HIS A 117 9.89 -5.52 5.98
CA HIS A 117 8.87 -6.54 5.84
C HIS A 117 9.48 -7.90 5.50
N ARG A 118 10.40 -7.93 4.57
CA ARG A 118 11.03 -9.21 4.20
C ARG A 118 11.78 -9.86 5.37
N ALA A 119 12.50 -9.09 6.17
CA ALA A 119 13.19 -9.66 7.33
C ALA A 119 12.21 -10.20 8.36
N TYR A 120 11.12 -9.46 8.62
CA TYR A 120 10.10 -9.96 9.54
C TYR A 120 9.37 -11.19 9.01
N GLU A 121 9.12 -11.26 7.70
CA GLU A 121 8.49 -12.45 7.12
C GLU A 121 9.42 -13.65 7.19
N ALA A 122 10.71 -13.43 6.99
CA ALA A 122 11.67 -14.53 7.12
C ALA A 122 11.70 -15.04 8.56
N LEU A 123 11.64 -14.13 9.55
CA LEU A 123 11.54 -14.53 10.95
C LEU A 123 10.27 -15.32 11.21
N ALA A 124 9.14 -14.86 10.64
CA ALA A 124 7.85 -15.51 10.82
C ALA A 124 7.87 -16.94 10.26
N LYS A 125 8.54 -17.11 9.14
CA LYS A 125 8.66 -18.44 8.53
C LYS A 125 9.40 -19.42 9.45
N LYS A 126 10.36 -18.91 10.22
CA LYS A 126 11.07 -19.68 11.25
C LYS A 126 10.32 -19.79 12.58
N HIS A 127 9.17 -19.14 12.70
CA HIS A 127 8.42 -19.09 13.95
C HIS A 127 9.25 -18.45 15.06
N GLU A 128 10.04 -17.44 14.69
CA GLU A 128 10.97 -16.80 15.59
C GLU A 128 10.51 -15.38 15.90
N TRP A 129 10.29 -15.10 17.17
CA TRP A 129 9.92 -13.79 17.64
C TRP A 129 11.19 -13.00 17.89
N ARG A 130 11.42 -11.97 17.09
CA ARG A 130 12.61 -11.13 17.26
C ARG A 130 12.40 -9.73 16.72
N ASP A 131 12.52 -8.74 17.59
CA ASP A 131 12.44 -7.35 17.20
C ASP A 131 13.74 -6.92 16.55
N LEU A 132 13.64 -6.11 15.50
CA LEU A 132 14.81 -5.59 14.80
C LEU A 132 14.93 -4.11 15.10
N SER A 133 16.13 -3.58 15.01
CA SER A 133 16.32 -2.14 15.17
C SER A 133 15.59 -1.42 14.01
N GLN A 134 14.84 -0.38 14.33
CA GLN A 134 13.87 0.19 13.41
C GLN A 134 13.98 1.72 13.31
N PRO A 135 14.45 2.23 12.17
CA PRO A 135 14.34 3.67 11.97
C PRO A 135 12.87 4.11 11.81
N GLU A 136 12.61 5.38 12.12
CA GLU A 136 11.33 6.00 11.78
C GLU A 136 11.41 6.57 10.36
N ALA A 137 10.26 6.89 9.77
CA ALA A 137 10.23 7.43 8.41
C ALA A 137 11.11 8.69 8.27
N ALA A 138 11.18 9.52 9.33
CA ALA A 138 12.01 10.72 9.28
C ALA A 138 13.52 10.45 9.16
N ASP A 139 13.96 9.21 9.40
CA ASP A 139 15.34 8.83 9.18
C ASP A 139 15.69 8.50 7.73
N VAL A 140 14.69 8.48 6.83
CA VAL A 140 14.88 8.02 5.46
C VAL A 140 14.49 9.18 4.54
N THR A 141 15.39 9.48 3.59
CA THR A 141 15.09 10.41 2.53
C THR A 141 14.62 9.64 1.29
N VAL A 142 13.40 9.94 0.85
CA VAL A 142 12.86 9.46 -0.39
C VAL A 142 13.11 10.54 -1.45
N GLY A 143 13.81 10.18 -2.50
CA GLY A 143 14.12 11.07 -3.62
C GLY A 143 13.29 10.62 -4.80
N ILE A 144 12.43 11.50 -5.29
CA ILE A 144 11.53 11.20 -6.38
C ILE A 144 12.04 11.86 -7.68
N MET A 145 12.35 11.03 -8.68
CA MET A 145 12.67 11.52 -10.00
C MET A 145 11.38 11.55 -10.80
N GLY A 146 10.98 12.75 -11.19
CA GLY A 146 9.73 13.00 -11.92
C GLY A 146 8.81 13.80 -11.00
N MET A 147 8.66 15.08 -11.31
CA MET A 147 7.85 16.03 -10.53
C MET A 147 6.63 16.53 -11.32
N GLY A 148 6.08 15.66 -12.14
CA GLY A 148 4.75 15.85 -12.69
C GLY A 148 3.68 15.49 -11.66
N VAL A 149 2.46 15.27 -12.14
CA VAL A 149 1.29 15.03 -11.28
C VAL A 149 1.54 13.86 -10.31
N LEU A 150 2.15 12.79 -10.80
CA LEU A 150 2.34 11.58 -10.00
C LEU A 150 3.38 11.80 -8.92
N GLY A 151 4.52 12.38 -9.29
CA GLY A 151 5.56 12.70 -8.33
C GLY A 151 5.13 13.67 -7.24
N GLN A 152 4.37 14.67 -7.64
CA GLN A 152 3.87 15.66 -6.68
C GLN A 152 2.90 15.03 -5.69
N ASP A 153 2.00 14.19 -6.18
CA ASP A 153 1.03 13.51 -5.29
C ASP A 153 1.76 12.62 -4.29
N ALA A 154 2.72 11.84 -4.78
CA ALA A 154 3.48 10.91 -3.94
C ALA A 154 4.32 11.67 -2.93
N ALA A 155 4.96 12.74 -3.37
CA ALA A 155 5.80 13.55 -2.45
C ALA A 155 5.05 14.06 -1.26
N ARG A 156 3.89 14.67 -1.52
CA ARG A 156 3.04 15.23 -0.46
C ARG A 156 2.59 14.12 0.52
N LYS A 157 2.17 12.98 -0.01
CA LYS A 157 1.70 11.90 0.86
C LYS A 157 2.82 11.25 1.67
N LEU A 158 4.00 11.04 1.05
CA LEU A 158 5.14 10.50 1.78
C LEU A 158 5.59 11.43 2.91
N ALA A 159 5.64 12.73 2.62
CA ALA A 159 6.00 13.71 3.65
C ALA A 159 5.00 13.73 4.80
N ALA A 160 3.71 13.63 4.50
CA ALA A 160 2.69 13.59 5.57
C ALA A 160 2.82 12.37 6.45
N MET A 161 3.37 11.26 5.92
CA MET A 161 3.65 10.08 6.74
C MET A 161 4.95 10.14 7.57
N GLY A 162 5.76 11.17 7.33
CA GLY A 162 6.97 11.42 8.12
C GLY A 162 8.29 11.29 7.33
N PHE A 163 8.25 10.77 6.10
CA PHE A 163 9.50 10.63 5.32
C PHE A 163 10.12 12.00 5.02
N LYS A 164 11.44 12.10 4.95
CA LYS A 164 12.07 13.28 4.31
C LYS A 164 11.91 13.05 2.81
N VAL A 165 11.45 14.06 2.08
CA VAL A 165 11.21 13.93 0.63
C VAL A 165 11.90 15.06 -0.14
N ILE A 166 12.60 14.69 -1.21
CA ILE A 166 13.16 15.63 -2.17
C ILE A 166 12.78 15.18 -3.57
N GLY A 167 12.79 16.14 -4.50
CA GLY A 167 12.35 15.88 -5.87
C GLY A 167 13.40 16.27 -6.90
N TRP A 168 13.30 15.64 -8.08
CA TRP A 168 14.18 15.96 -9.19
C TRP A 168 13.40 16.02 -10.50
N SER A 169 13.77 16.98 -11.36
CA SER A 169 13.33 16.98 -12.74
C SER A 169 14.45 17.64 -13.56
N ARG A 170 14.53 17.33 -14.84
CA ARG A 170 15.66 17.76 -15.67
C ARG A 170 15.76 19.27 -15.68
N SER A 171 14.62 19.93 -15.91
CA SER A 171 14.51 21.37 -15.84
C SER A 171 13.85 21.69 -14.50
N LYS A 172 14.37 22.73 -13.84
CA LYS A 172 13.96 23.10 -12.50
C LYS A 172 12.47 23.35 -12.45
N ARG A 173 11.82 22.74 -11.46
CA ARG A 173 10.45 23.07 -11.08
C ARG A 173 10.36 23.54 -9.64
N VAL A 174 9.47 24.47 -9.39
CA VAL A 174 9.26 25.02 -8.07
C VAL A 174 7.98 24.40 -7.52
N ILE A 175 8.15 23.55 -6.51
CA ILE A 175 7.07 22.74 -5.95
C ILE A 175 6.96 23.14 -4.48
N GLU A 176 5.78 23.62 -4.10
CA GLU A 176 5.53 24.05 -2.72
C GLU A 176 5.73 22.90 -1.77
N GLY A 177 6.54 23.13 -0.73
CA GLY A 177 6.79 22.14 0.31
C GLY A 177 7.85 21.09 0.05
N VAL A 178 8.46 21.11 -1.14
CA VAL A 178 9.43 20.07 -1.52
C VAL A 178 10.68 20.74 -2.07
N GLU A 179 11.83 20.41 -1.52
CA GLU A 179 13.09 20.84 -2.10
C GLU A 179 13.30 20.06 -3.41
N THR A 180 13.65 20.78 -4.46
CA THR A 180 13.80 20.17 -5.78
C THR A 180 15.14 20.50 -6.39
N TYR A 181 15.58 19.56 -7.22
CA TYR A 181 16.88 19.60 -7.87
C TYR A 181 16.66 19.52 -9.39
N ASP A 182 17.62 20.06 -10.15
CA ASP A 182 17.61 20.00 -11.59
C ASP A 182 18.73 19.10 -12.15
N ALA A 183 18.89 19.09 -13.47
CA ALA A 183 19.91 18.25 -14.09
C ALA A 183 21.29 18.50 -13.50
N ALA A 184 21.70 19.75 -13.37
CA ALA A 184 22.99 20.08 -12.77
C ALA A 184 23.11 19.65 -11.31
N GLY A 185 22.00 19.63 -10.59
CA GLY A 185 21.97 19.15 -9.20
C GLY A 185 21.73 17.65 -9.00
N LEU A 186 21.81 16.84 -10.06
CA LEU A 186 21.44 15.41 -9.96
C LEU A 186 22.36 14.70 -8.98
N ASP A 187 23.68 14.89 -9.06
CA ASP A 187 24.59 14.22 -8.13
C ASP A 187 24.26 14.52 -6.66
N ALA A 188 23.95 15.78 -6.35
CA ALA A 188 23.61 16.18 -5.00
C ALA A 188 22.30 15.52 -4.54
N PHE A 189 21.30 15.53 -5.42
CA PHE A 189 20.03 14.85 -5.17
C PHE A 189 20.23 13.35 -4.84
N LEU A 190 21.00 12.66 -5.69
CA LEU A 190 21.25 11.23 -5.53
C LEU A 190 21.98 10.93 -4.23
N GLY A 191 22.97 11.74 -3.91
CA GLY A 191 23.76 11.56 -2.69
C GLY A 191 22.99 11.74 -1.41
N ARG A 192 21.86 12.45 -1.46
CA ARG A 192 20.98 12.60 -0.33
C ARG A 192 19.92 11.50 -0.20
N THR A 193 19.74 10.69 -1.27
CA THR A 193 18.62 9.81 -1.39
C THR A 193 18.89 8.39 -0.90
N ASP A 194 18.02 7.89 -0.01
CA ASP A 194 18.04 6.52 0.49
C ASP A 194 17.12 5.60 -0.32
N PHE A 195 15.91 6.07 -0.63
CA PHE A 195 14.95 5.32 -1.41
C PHE A 195 14.70 6.16 -2.65
N LEU A 196 15.16 5.67 -3.80
CA LEU A 196 14.92 6.34 -5.07
C LEU A 196 13.64 5.88 -5.69
N VAL A 197 12.75 6.82 -5.98
CA VAL A 197 11.45 6.52 -6.59
C VAL A 197 11.40 7.10 -8.00
N GLY A 198 11.14 6.23 -8.97
CA GLY A 198 10.98 6.63 -10.39
C GLY A 198 9.51 6.80 -10.76
N LEU A 199 9.15 8.04 -11.07
CA LEU A 199 7.84 8.39 -11.62
C LEU A 199 8.01 9.31 -12.88
N LEU A 200 8.91 8.92 -13.77
CA LEU A 200 9.19 9.65 -14.98
C LEU A 200 8.43 9.03 -16.18
N PRO A 201 8.09 9.84 -17.18
CA PRO A 201 7.71 9.27 -18.47
C PRO A 201 8.93 8.70 -19.18
N LEU A 202 8.70 7.88 -20.21
CA LEU A 202 9.74 7.43 -21.10
C LEU A 202 9.90 8.43 -22.22
N THR A 203 11.04 9.10 -22.27
CA THR A 203 11.37 9.98 -23.39
C THR A 203 12.80 9.70 -23.74
N PRO A 204 13.33 10.33 -24.82
CA PRO A 204 14.75 10.11 -25.09
C PRO A 204 15.65 10.55 -23.92
N ASP A 205 15.22 11.55 -23.13
CA ASP A 205 16.01 11.99 -22.00
C ASP A 205 15.97 11.06 -20.77
N THR A 206 15.08 10.07 -20.77
CA THR A 206 14.98 9.11 -19.66
C THR A 206 15.25 7.66 -20.03
N ARG A 207 15.72 7.44 -21.26
CA ARG A 207 16.10 6.11 -21.71
C ARG A 207 17.30 5.59 -20.87
N GLY A 208 17.08 4.48 -20.15
CA GLY A 208 18.13 3.89 -19.33
C GLY A 208 18.72 4.81 -18.27
N ILE A 209 17.95 5.81 -17.81
CA ILE A 209 18.43 6.79 -16.84
C ILE A 209 18.76 6.12 -15.46
N PHE A 210 18.01 5.07 -15.10
CA PHE A 210 18.24 4.31 -13.89
C PHE A 210 19.25 3.21 -14.26
N ASN A 211 20.50 3.53 -14.02
CA ASN A 211 21.62 2.67 -14.45
C ASN A 211 22.66 2.53 -13.33
N ALA A 212 23.70 1.72 -13.59
CA ALA A 212 24.70 1.39 -12.57
C ALA A 212 25.35 2.62 -11.94
N ALA A 213 25.73 3.61 -12.77
CA ALA A 213 26.37 4.82 -12.25
C ALA A 213 25.43 5.65 -11.40
N LEU A 214 24.17 5.73 -11.81
CA LEU A 214 23.16 6.41 -10.96
C LEU A 214 22.98 5.69 -9.61
N PHE A 215 22.87 4.36 -9.61
CA PHE A 215 22.71 3.61 -8.35
C PHE A 215 23.91 3.77 -7.42
N ALA A 216 25.12 3.84 -8.00
CA ALA A 216 26.34 4.01 -7.24
C ALA A 216 26.46 5.38 -6.60
N LYS A 217 25.68 6.36 -7.03
CA LYS A 217 25.71 7.71 -6.45
C LYS A 217 24.64 7.93 -5.38
N LEU A 218 23.77 6.93 -5.18
CA LEU A 218 22.74 7.02 -4.15
C LEU A 218 23.40 6.90 -2.77
N SER A 219 22.71 7.39 -1.75
CA SER A 219 23.30 7.41 -0.41
C SER A 219 23.49 6.02 0.16
N ARG A 220 24.61 5.85 0.83
CA ARG A 220 24.88 4.71 1.66
C ARG A 220 24.94 5.13 3.13
N ASN A 221 24.53 6.37 3.44
CA ASN A 221 24.59 6.89 4.81
C ASN A 221 23.28 6.73 5.58
N GLY A 222 22.25 6.20 4.95
CA GLY A 222 20.97 6.03 5.61
C GLY A 222 21.00 4.86 6.56
N PRO A 223 19.87 4.61 7.23
CA PRO A 223 19.84 3.61 8.29
C PRO A 223 20.08 2.16 7.87
N PHE A 224 19.92 1.83 6.59
CA PHE A 224 20.19 0.46 6.13
C PHE A 224 21.58 0.30 5.49
N GLY A 225 22.33 1.39 5.34
CA GLY A 225 23.66 1.36 4.74
C GLY A 225 23.73 1.14 3.23
N ALA A 226 22.60 1.12 2.56
CA ALA A 226 22.54 0.82 1.12
C ALA A 226 21.18 1.30 0.61
N PRO A 227 21.16 1.89 -0.58
CA PRO A 227 19.91 2.43 -1.13
C PRO A 227 18.98 1.39 -1.70
N VAL A 228 17.73 1.82 -1.91
CA VAL A 228 16.67 1.01 -2.50
C VAL A 228 16.15 1.74 -3.73
N PHE A 229 15.79 0.96 -4.74
CA PHE A 229 15.26 1.47 -6.02
C PHE A 229 13.84 1.02 -6.22
N ILE A 230 12.95 1.97 -6.48
CA ILE A 230 11.53 1.73 -6.68
C ILE A 230 11.15 2.39 -8.02
N ASN A 231 10.59 1.63 -8.94
CA ASN A 231 10.17 2.18 -10.25
C ASN A 231 8.79 1.75 -10.63
N ALA A 232 7.95 2.74 -10.92
CA ALA A 232 6.63 2.54 -11.49
C ALA A 232 6.33 3.45 -12.68
N GLY A 233 7.37 3.94 -13.34
CA GLY A 233 7.21 4.73 -14.56
C GLY A 233 7.19 3.80 -15.76
N ARG A 234 8.32 3.66 -16.47
CA ARG A 234 8.40 2.74 -17.60
C ARG A 234 9.69 1.93 -17.54
N GLY A 235 9.62 0.70 -17.99
CA GLY A 235 10.76 -0.18 -17.98
C GLY A 235 11.90 0.28 -18.87
N GLY A 236 11.57 0.97 -19.95
CA GLY A 236 12.60 1.55 -20.84
C GLY A 236 13.49 2.58 -20.18
N SER A 237 13.09 3.08 -19.01
CA SER A 237 13.93 4.01 -18.24
C SER A 237 15.00 3.37 -17.37
N GLN A 238 15.03 2.05 -17.31
CA GLN A 238 16.03 1.36 -16.49
C GLN A 238 16.90 0.43 -17.35
N VAL A 239 18.11 0.20 -16.87
CA VAL A 239 18.99 -0.81 -17.49
C VAL A 239 18.91 -2.00 -16.54
N GLU A 240 18.11 -2.98 -16.92
CA GLU A 240 17.82 -4.10 -15.99
C GLU A 240 19.04 -4.90 -15.59
N ALA A 241 19.98 -5.10 -16.53
CA ALA A 241 21.20 -5.79 -16.22
C ALA A 241 21.95 -5.10 -15.09
N ASP A 242 21.93 -3.77 -15.04
CA ASP A 242 22.56 -3.02 -13.98
C ASP A 242 21.81 -3.21 -12.64
N ILE A 243 20.47 -3.21 -12.68
CA ILE A 243 19.71 -3.44 -11.43
C ILE A 243 20.09 -4.79 -10.83
N LEU A 244 20.05 -5.86 -11.66
CA LEU A 244 20.39 -7.20 -11.20
C LEU A 244 21.81 -7.27 -10.61
N GLU A 245 22.78 -6.71 -11.33
CA GLU A 245 24.16 -6.75 -10.87
C GLU A 245 24.35 -5.95 -9.58
N CYS A 246 23.63 -4.83 -9.44
CA CYS A 246 23.71 -4.01 -8.22
C CYS A 246 23.05 -4.69 -7.02
N LEU A 247 21.97 -5.44 -7.27
CA LEU A 247 21.37 -6.25 -6.20
C LEU A 247 22.30 -7.38 -5.77
N ASP A 248 22.92 -8.05 -6.74
CA ASP A 248 23.85 -9.15 -6.43
C ASP A 248 25.07 -8.66 -5.65
N SER A 249 25.57 -7.49 -6.02
CA SER A 249 26.76 -6.94 -5.40
C SER A 249 26.46 -6.23 -4.08
N GLY A 250 25.19 -5.89 -3.82
CA GLY A 250 24.84 -5.12 -2.64
C GLY A 250 24.90 -3.60 -2.81
N VAL A 251 25.19 -3.12 -4.02
CA VAL A 251 25.12 -1.70 -4.32
C VAL A 251 23.68 -1.19 -4.10
N LEU A 252 22.70 -1.99 -4.51
CA LEU A 252 21.31 -1.80 -4.12
C LEU A 252 20.99 -2.85 -3.07
N GLY A 253 20.41 -2.41 -1.95
CA GLY A 253 19.97 -3.29 -0.87
C GLY A 253 18.62 -3.95 -1.13
N GLY A 254 17.84 -3.39 -2.06
CA GLY A 254 16.57 -3.96 -2.43
C GLY A 254 15.88 -3.12 -3.48
N ALA A 255 14.77 -3.61 -4.00
CA ALA A 255 14.02 -2.90 -5.02
C ALA A 255 12.55 -3.24 -5.03
N SER A 256 11.74 -2.31 -5.56
CA SER A 256 10.36 -2.60 -5.92
C SER A 256 10.18 -2.22 -7.39
N LEU A 257 9.80 -3.20 -8.20
CA LEU A 257 9.64 -3.00 -9.63
C LEU A 257 8.28 -3.41 -10.06
N ASP A 258 7.57 -2.43 -10.64
CA ASP A 258 6.27 -2.61 -11.27
C ASP A 258 6.37 -2.65 -12.80
N VAL A 259 7.53 -2.27 -13.35
CA VAL A 259 7.72 -2.10 -14.78
C VAL A 259 9.07 -2.71 -15.18
N PHE A 260 9.13 -3.18 -16.43
CA PHE A 260 10.26 -3.95 -16.91
C PHE A 260 10.53 -3.63 -18.38
N GLU A 261 11.78 -3.86 -18.80
CA GLU A 261 12.19 -3.53 -20.17
C GLU A 261 11.35 -4.30 -21.20
N ARG A 262 11.04 -5.57 -20.91
CA ARG A 262 10.15 -6.39 -21.71
C ARG A 262 9.05 -6.95 -20.83
N GLU A 263 7.81 -6.52 -21.06
CA GLU A 263 6.65 -6.98 -20.33
C GLU A 263 5.81 -7.86 -21.25
N PRO A 264 5.16 -8.92 -20.76
CA PRO A 264 5.27 -9.40 -19.39
C PRO A 264 6.66 -9.95 -19.06
N LEU A 265 7.09 -9.78 -17.82
CA LEU A 265 8.40 -10.25 -17.40
C LEU A 265 8.50 -11.75 -17.61
N SER A 266 9.60 -12.16 -18.23
CA SER A 266 9.84 -13.57 -18.53
C SER A 266 9.80 -14.42 -17.25
N PRO A 267 9.21 -15.62 -17.31
CA PRO A 267 9.29 -16.55 -16.17
C PRO A 267 10.71 -16.96 -15.77
N GLU A 268 11.68 -16.84 -16.67
CA GLU A 268 13.09 -17.09 -16.37
C GLU A 268 13.81 -15.93 -15.70
N SER A 269 13.17 -14.77 -15.54
CA SER A 269 13.85 -13.62 -14.90
C SER A 269 14.27 -13.99 -13.49
N ARG A 270 15.47 -13.58 -13.12
CA ARG A 270 15.93 -13.72 -11.74
C ARG A 270 15.19 -12.83 -10.73
N PHE A 271 14.45 -11.81 -11.19
CA PHE A 271 13.75 -10.90 -10.25
C PHE A 271 12.72 -11.62 -9.37
N TRP A 272 12.06 -12.62 -9.94
CA TRP A 272 10.98 -13.33 -9.24
C TRP A 272 11.36 -13.93 -7.88
N ASP A 273 12.54 -14.49 -7.73
CA ASP A 273 12.94 -15.22 -6.50
C ASP A 273 13.81 -14.44 -5.53
N MET A 274 14.14 -13.21 -5.84
CA MET A 274 15.05 -12.48 -4.99
C MET A 274 14.44 -12.03 -3.67
N PRO A 275 15.23 -12.18 -2.59
CA PRO A 275 14.70 -11.95 -1.26
C PRO A 275 14.38 -10.47 -0.99
N ASN A 276 15.05 -9.53 -1.65
CA ASN A 276 14.75 -8.11 -1.38
C ASN A 276 14.17 -7.35 -2.58
N VAL A 277 13.53 -8.08 -3.51
CA VAL A 277 12.84 -7.46 -4.66
C VAL A 277 11.36 -7.78 -4.62
N TYR A 278 10.53 -6.74 -4.71
CA TYR A 278 9.09 -6.93 -4.85
C TYR A 278 8.71 -6.72 -6.31
N VAL A 279 8.13 -7.75 -6.94
CA VAL A 279 7.63 -7.65 -8.32
C VAL A 279 6.09 -7.54 -8.36
N THR A 280 5.60 -6.54 -9.07
CA THR A 280 4.21 -6.45 -9.43
C THR A 280 4.07 -6.31 -10.94
N PRO A 281 3.00 -6.88 -11.50
CA PRO A 281 2.87 -6.97 -12.96
C PRO A 281 2.29 -5.71 -13.62
N HIS A 282 2.97 -4.58 -13.45
CA HIS A 282 2.51 -3.31 -14.01
C HIS A 282 1.10 -2.98 -13.61
N VAL A 283 0.89 -2.96 -12.30
CA VAL A 283 -0.39 -2.70 -11.68
C VAL A 283 -0.32 -1.61 -10.62
N ALA A 284 0.67 -0.72 -10.66
CA ALA A 284 0.71 0.34 -9.65
C ALA A 284 -0.61 1.13 -9.60
N ALA A 285 -1.18 1.40 -10.78
CA ALA A 285 -2.56 1.92 -10.86
C ALA A 285 -3.31 1.18 -11.95
N SER A 286 -4.50 0.68 -11.66
CA SER A 286 -5.35 -0.03 -12.65
C SER A 286 -6.62 0.77 -12.75
N SER A 287 -7.17 0.88 -13.95
CA SER A 287 -8.52 1.47 -14.10
C SER A 287 -9.61 0.46 -13.72
N ASP A 288 -10.68 0.97 -13.11
CA ASP A 288 -11.90 0.19 -12.88
C ASP A 288 -12.71 0.30 -14.17
N VAL A 289 -13.08 -0.85 -14.73
CA VAL A 289 -13.90 -0.89 -15.94
C VAL A 289 -15.32 -0.33 -15.73
N ARG A 290 -15.83 -0.41 -14.49
CA ARG A 290 -17.10 0.23 -14.12
C ARG A 290 -17.05 1.76 -14.27
N ALA A 291 -15.90 2.35 -14.00
CA ALA A 291 -15.68 3.80 -14.20
C ALA A 291 -15.63 4.18 -15.69
N LEU A 292 -15.05 3.31 -16.49
CA LEU A 292 -14.99 3.49 -17.96
C LEU A 292 -16.39 3.53 -18.57
N PHE A 293 -17.27 2.63 -18.12
CA PHE A 293 -18.65 2.59 -18.65
C PHE A 293 -19.50 3.80 -18.23
N VAL A 294 -19.30 4.30 -17.00
CA VAL A 294 -19.94 5.56 -16.58
C VAL A 294 -19.49 6.73 -17.47
N HIS A 295 -18.21 6.73 -17.86
CA HIS A 295 -17.66 7.70 -18.82
C HIS A 295 -18.30 7.55 -20.21
N VAL A 296 -18.47 6.30 -20.66
CA VAL A 296 -19.07 6.03 -21.98
C VAL A 296 -20.59 6.31 -21.99
N GLU A 297 -21.29 5.89 -20.93
CA GLU A 297 -22.71 6.21 -20.72
C GLU A 297 -22.98 7.72 -20.77
N HIS A 298 -22.18 8.48 -20.02
CA HIS A 298 -22.31 9.95 -19.94
C HIS A 298 -22.02 10.65 -21.27
N GLN A 299 -20.95 10.22 -21.95
CA GLN A 299 -20.57 10.78 -23.25
C GLN A 299 -21.48 10.32 -24.39
N ILE A 300 -22.00 9.10 -24.30
CA ILE A 300 -23.04 8.62 -25.21
C ILE A 300 -24.35 9.39 -25.02
N ALA A 301 -24.71 9.66 -23.77
CA ALA A 301 -25.91 10.43 -23.42
C ALA A 301 -25.80 11.92 -23.80
N ARG A 302 -24.66 12.53 -23.51
CA ARG A 302 -24.39 13.94 -23.88
C ARG A 302 -24.42 14.16 -25.39
N PHE A 303 -23.90 13.19 -26.14
CA PHE A 303 -23.94 13.20 -27.61
C PHE A 303 -25.38 13.06 -28.14
N GLU A 304 -26.18 12.25 -27.45
CA GLU A 304 -27.63 12.13 -27.74
C GLU A 304 -28.39 13.43 -27.43
N SER A 305 -27.98 14.14 -26.38
CA SER A 305 -28.56 15.44 -26.02
C SER A 305 -28.19 16.52 -27.03
N GLU A 310 -16.83 15.50 -25.13
CA GLU A 310 -15.62 15.74 -24.35
C GLU A 310 -14.52 14.73 -24.66
N HIS A 311 -13.27 15.13 -24.43
CA HIS A 311 -12.08 14.27 -24.57
C HIS A 311 -11.83 13.71 -25.98
N VAL A 312 -12.31 14.38 -27.03
CA VAL A 312 -11.99 13.99 -28.41
C VAL A 312 -10.49 14.23 -28.65
N VAL A 313 -9.85 13.32 -29.39
CA VAL A 313 -8.39 13.32 -29.54
C VAL A 313 -7.96 14.34 -30.59
N PHE B 93 9.38 7.43 30.63
CA PHE B 93 9.91 7.93 29.33
C PHE B 93 8.77 8.09 28.32
N VAL B 94 8.51 9.33 27.90
CA VAL B 94 7.51 9.65 26.89
C VAL B 94 8.25 9.89 25.57
N ASP B 95 8.36 8.83 24.76
CA ASP B 95 8.97 8.94 23.42
C ASP B 95 7.99 9.61 22.47
N ARG B 96 8.35 10.80 22.02
CA ARG B 96 7.47 11.61 21.18
C ARG B 96 7.26 11.04 19.78
N THR B 97 8.08 10.08 19.35
CA THR B 97 7.94 9.48 18.02
C THR B 97 6.98 8.29 17.98
N LEU B 98 6.44 7.85 19.12
CA LEU B 98 5.63 6.62 19.12
C LEU B 98 4.37 6.73 18.24
N THR B 99 3.71 7.87 18.25
CA THR B 99 2.49 8.06 17.47
C THR B 99 2.77 7.91 15.98
N THR B 100 3.74 8.66 15.47
CA THR B 100 4.02 8.62 14.06
C THR B 100 4.51 7.20 13.60
N ARG B 101 5.30 6.53 14.45
CA ARG B 101 5.73 5.17 14.19
C ARG B 101 4.55 4.20 14.09
N MET B 102 3.61 4.31 15.03
CA MET B 102 2.41 3.47 15.03
CA MET B 102 2.43 3.48 15.03
C MET B 102 1.61 3.65 13.72
N SER B 103 1.44 4.90 13.31
CA SER B 103 0.71 5.17 12.07
C SER B 103 1.41 4.59 10.83
N GLU B 104 2.74 4.49 10.84
CA GLU B 104 3.44 3.81 9.73
C GLU B 104 2.98 2.35 9.65
N TRP B 105 2.97 1.67 10.80
CA TRP B 105 2.58 0.27 10.86
C TRP B 105 1.15 0.06 10.41
N VAL B 106 0.24 0.90 10.94
CA VAL B 106 -1.17 0.78 10.62
C VAL B 106 -1.38 1.01 9.11
N MET B 107 -0.76 2.06 8.56
CA MET B 107 -0.85 2.34 7.13
C MET B 107 -0.34 1.14 6.30
N MET B 108 0.81 0.60 6.71
CA MET B 108 1.37 -0.54 6.02
C MET B 108 0.40 -1.71 5.97
N GLN B 109 -0.25 -2.02 7.13
CA GLN B 109 -1.18 -3.15 7.13
C GLN B 109 -2.39 -2.90 6.20
N CYS B 110 -2.97 -1.70 6.28
CA CYS B 110 -4.12 -1.41 5.46
C CYS B 110 -3.77 -1.50 3.96
N LEU B 111 -2.57 -1.06 3.58
CA LEU B 111 -2.12 -1.19 2.17
C LEU B 111 -1.80 -2.62 1.78
N LEU B 112 -1.14 -3.38 2.64
CA LEU B 112 -0.88 -4.80 2.39
C LEU B 112 -2.14 -5.61 2.09
N HIS B 113 -3.20 -5.35 2.88
CA HIS B 113 -4.46 -6.00 2.66
C HIS B 113 -5.17 -5.43 1.41
N LEU B 114 -5.26 -4.11 1.31
CA LEU B 114 -5.92 -3.47 0.15
C LEU B 114 -5.31 -3.94 -1.18
N ARG B 115 -3.98 -3.93 -1.24
CA ARG B 115 -3.24 -4.17 -2.49
C ARG B 115 -2.89 -5.65 -2.71
N GLN B 116 -3.51 -6.54 -1.91
CA GLN B 116 -3.45 -7.98 -2.16
C GLN B 116 -2.01 -8.48 -2.24
N HIS B 117 -1.18 -8.01 -1.30
CA HIS B 117 0.21 -8.33 -1.28
C HIS B 117 0.45 -9.85 -1.24
N ARG B 118 -0.27 -10.56 -0.40
CA ARG B 118 -0.08 -12.01 -0.33
C ARG B 118 -0.39 -12.72 -1.66
N ALA B 119 -1.47 -12.32 -2.33
CA ALA B 119 -1.81 -12.91 -3.62
C ALA B 119 -0.74 -12.61 -4.69
N TYR B 120 -0.24 -11.38 -4.74
CA TYR B 120 0.81 -11.05 -5.68
C TYR B 120 2.14 -11.75 -5.36
N GLU B 121 2.46 -11.95 -4.09
CA GLU B 121 3.68 -12.67 -3.73
C GLU B 121 3.55 -14.15 -4.11
N ALA B 122 2.35 -14.71 -3.95
CA ALA B 122 2.14 -16.10 -4.35
C ALA B 122 2.29 -16.24 -5.87
N LEU B 123 1.79 -15.26 -6.62
CA LEU B 123 2.01 -15.24 -8.08
C LEU B 123 3.50 -15.16 -8.41
N ALA B 124 4.22 -14.30 -7.70
CA ALA B 124 5.66 -14.11 -7.94
C ALA B 124 6.44 -15.40 -7.66
N LYS B 125 6.03 -16.13 -6.65
CA LYS B 125 6.67 -17.41 -6.32
C LYS B 125 6.51 -18.43 -7.44
N LYS B 126 5.39 -18.38 -8.16
CA LYS B 126 5.17 -19.17 -9.37
C LYS B 126 5.77 -18.59 -10.64
N HIS B 127 6.40 -17.42 -10.56
CA HIS B 127 6.94 -16.70 -11.73
C HIS B 127 5.83 -16.42 -12.74
N GLU B 128 4.65 -16.09 -12.24
CA GLU B 128 3.47 -15.88 -13.06
C GLU B 128 3.10 -14.40 -13.04
N TRP B 129 3.07 -13.80 -14.22
CA TRP B 129 2.66 -12.44 -14.40
C TRP B 129 1.15 -12.40 -14.57
N ARG B 130 0.45 -11.83 -13.59
CA ARG B 130 -1.02 -11.76 -13.66
C ARG B 130 -1.56 -10.62 -12.83
N ASP B 131 -2.27 -9.71 -13.50
CA ASP B 131 -2.94 -8.60 -12.85
C ASP B 131 -4.22 -9.09 -12.18
N LEU B 132 -4.49 -8.57 -10.99
CA LEU B 132 -5.70 -8.92 -10.25
C LEU B 132 -6.62 -7.72 -10.25
N SER B 133 -7.92 -7.95 -10.17
CA SER B 133 -8.85 -6.82 -10.06
C SER B 133 -8.60 -6.11 -8.71
N GLN B 134 -8.54 -4.78 -8.75
CA GLN B 134 -8.00 -4.00 -7.66
C GLN B 134 -8.92 -2.85 -7.24
N PRO B 135 -9.55 -2.96 -6.05
CA PRO B 135 -10.22 -1.78 -5.53
C PRO B 135 -9.23 -0.65 -5.18
N GLU B 136 -9.73 0.57 -5.19
CA GLU B 136 -8.97 1.70 -4.66
C GLU B 136 -9.29 1.84 -3.17
N ALA B 137 -8.46 2.61 -2.46
CA ALA B 137 -8.65 2.83 -1.04
C ALA B 137 -10.09 3.37 -0.72
N ALA B 138 -10.64 4.20 -1.60
CA ALA B 138 -11.98 4.71 -1.40
C ALA B 138 -13.09 3.63 -1.42
N ASP B 139 -12.79 2.43 -1.89
CA ASP B 139 -13.71 1.30 -1.82
C ASP B 139 -13.73 0.57 -0.48
N VAL B 140 -12.86 0.93 0.46
CA VAL B 140 -12.70 0.18 1.71
C VAL B 140 -12.92 1.14 2.88
N THR B 141 -13.74 0.71 3.84
CA THR B 141 -13.89 1.40 5.09
C THR B 141 -12.97 0.83 6.16
N VAL B 142 -12.10 1.67 6.69
CA VAL B 142 -11.30 1.34 7.84
C VAL B 142 -12.01 1.89 9.08
N GLY B 143 -12.34 1.00 10.02
CA GLY B 143 -13.00 1.37 11.27
C GLY B 143 -12.01 1.20 12.39
N ILE B 144 -11.71 2.28 13.08
CA ILE B 144 -10.72 2.31 14.13
C ILE B 144 -11.43 2.37 15.50
N MET B 145 -11.20 1.33 16.31
CA MET B 145 -11.64 1.33 17.69
C MET B 145 -10.50 1.88 18.54
N GLY B 146 -10.77 3.01 19.17
CA GLY B 146 -9.82 3.77 19.93
C GLY B 146 -9.54 5.08 19.20
N MET B 147 -10.09 6.18 19.72
CA MET B 147 -10.00 7.52 19.14
C MET B 147 -9.25 8.47 20.08
N GLY B 148 -8.27 7.94 20.80
CA GLY B 148 -7.27 8.76 21.47
C GLY B 148 -6.24 9.25 20.45
N VAL B 149 -5.07 9.65 20.96
CA VAL B 149 -4.01 10.21 20.13
C VAL B 149 -3.65 9.29 18.95
N LEU B 150 -3.54 7.99 19.21
CA LEU B 150 -3.08 7.04 18.19
C LEU B 150 -4.13 6.88 17.10
N GLY B 151 -5.37 6.66 17.52
CA GLY B 151 -6.47 6.51 16.58
C GLY B 151 -6.70 7.72 15.71
N GLN B 152 -6.63 8.90 16.33
CA GLN B 152 -6.80 10.14 15.60
C GLN B 152 -5.72 10.33 14.55
N ASP B 153 -4.48 10.08 14.93
CA ASP B 153 -3.35 10.22 13.99
C ASP B 153 -3.52 9.26 12.78
N ALA B 154 -3.87 8.01 13.06
CA ALA B 154 -4.05 7.00 12.03
C ALA B 154 -5.23 7.35 11.15
N ALA B 155 -6.33 7.77 11.76
CA ALA B 155 -7.53 8.13 10.98
C ALA B 155 -7.25 9.22 9.94
N ARG B 156 -6.61 10.29 10.38
CA ARG B 156 -6.24 11.43 9.51
CA ARG B 156 -6.32 11.38 9.47
C ARG B 156 -5.35 10.95 8.34
N LYS B 157 -4.34 10.15 8.66
CA LYS B 157 -3.43 9.69 7.61
C LYS B 157 -4.10 8.70 6.63
N LEU B 158 -4.93 7.79 7.13
CA LEU B 158 -5.64 6.85 6.28
C LEU B 158 -6.62 7.60 5.33
N ALA B 159 -7.34 8.59 5.87
CA ALA B 159 -8.25 9.39 5.04
C ALA B 159 -7.47 10.16 3.95
N ALA B 160 -6.32 10.71 4.30
CA ALA B 160 -5.49 11.41 3.29
C ALA B 160 -5.00 10.48 2.18
N MET B 161 -4.85 9.20 2.47
CA MET B 161 -4.49 8.19 1.44
C MET B 161 -5.64 7.71 0.56
N GLY B 162 -6.86 8.10 0.92
CA GLY B 162 -8.07 7.80 0.15
C GLY B 162 -9.05 6.83 0.82
N PHE B 163 -8.67 6.21 1.93
CA PHE B 163 -9.59 5.24 2.61
C PHE B 163 -10.84 5.94 3.12
N LYS B 164 -11.98 5.25 3.15
CA LYS B 164 -13.13 5.70 3.96
C LYS B 164 -12.76 5.35 5.39
N VAL B 165 -12.90 6.29 6.31
CA VAL B 165 -12.48 6.07 7.71
C VAL B 165 -13.62 6.44 8.68
N ILE B 166 -13.89 5.57 9.66
CA ILE B 166 -14.76 5.86 10.78
C ILE B 166 -14.05 5.44 12.07
N GLY B 167 -14.44 6.07 13.16
CA GLY B 167 -13.88 5.85 14.47
C GLY B 167 -14.94 5.42 15.49
N TRP B 168 -14.48 4.74 16.53
CA TRP B 168 -15.33 4.35 17.65
C TRP B 168 -14.61 4.58 18.98
N SER B 169 -15.38 5.03 19.97
CA SER B 169 -14.95 5.03 21.35
C SER B 169 -16.20 4.84 22.21
N ARG B 170 -16.03 4.36 23.43
CA ARG B 170 -17.20 4.09 24.28
C ARG B 170 -17.94 5.42 24.57
N SER B 171 -17.18 6.46 24.88
CA SER B 171 -17.74 7.79 25.13
C SER B 171 -17.89 8.55 23.80
N LYS B 172 -18.94 9.36 23.70
CA LYS B 172 -19.12 10.27 22.57
C LYS B 172 -17.92 11.21 22.46
N ARG B 173 -17.31 11.26 21.30
CA ARG B 173 -16.23 12.19 20.96
C ARG B 173 -16.54 12.86 19.63
N VAL B 174 -16.19 14.14 19.54
CA VAL B 174 -16.32 14.90 18.31
C VAL B 174 -14.92 15.10 17.79
N ILE B 175 -14.59 14.45 16.67
CA ILE B 175 -13.23 14.48 16.10
C ILE B 175 -13.31 15.16 14.74
N GLU B 176 -12.58 16.25 14.58
CA GLU B 176 -12.55 17.02 13.34
C GLU B 176 -12.12 16.13 12.18
N GLY B 177 -12.92 16.14 11.13
CA GLY B 177 -12.67 15.35 9.93
C GLY B 177 -13.01 13.88 9.92
N VAL B 178 -13.51 13.32 11.02
CA VAL B 178 -13.75 11.87 11.11
C VAL B 178 -15.13 11.61 11.71
N GLU B 179 -15.93 10.79 11.04
CA GLU B 179 -17.18 10.31 11.60
C GLU B 179 -16.86 9.34 12.74
N THR B 180 -17.53 9.51 13.86
CA THR B 180 -17.31 8.66 15.03
C THR B 180 -18.62 8.12 15.58
N TYR B 181 -18.50 6.98 16.23
CA TYR B 181 -19.59 6.25 16.82
C TYR B 181 -19.26 6.02 18.31
N ASP B 182 -20.32 5.92 19.12
CA ASP B 182 -20.18 5.75 20.58
C ASP B 182 -20.64 4.34 21.03
N ALA B 183 -20.77 4.14 22.33
CA ALA B 183 -21.18 2.85 22.86
C ALA B 183 -22.45 2.33 22.20
N ALA B 184 -23.48 3.19 22.17
CA ALA B 184 -24.75 2.81 21.55
C ALA B 184 -24.62 2.52 20.04
N GLY B 185 -23.72 3.21 19.38
CA GLY B 185 -23.46 3.00 17.97
C GLY B 185 -22.47 1.90 17.58
N LEU B 186 -22.07 1.05 18.51
CA LEU B 186 -21.08 0.01 18.23
C LEU B 186 -21.52 -0.92 17.07
N ASP B 187 -22.73 -1.42 17.14
CA ASP B 187 -23.17 -2.40 16.12
C ASP B 187 -23.20 -1.75 14.74
N ALA B 188 -23.63 -0.49 14.68
CA ALA B 188 -23.66 0.25 13.40
C ALA B 188 -22.24 0.45 12.85
N PHE B 189 -21.33 0.86 13.72
CA PHE B 189 -19.91 1.00 13.40
C PHE B 189 -19.32 -0.27 12.80
N LEU B 190 -19.54 -1.39 13.49
CA LEU B 190 -19.02 -2.69 13.06
C LEU B 190 -19.57 -3.05 11.66
N GLY B 191 -20.88 -2.88 11.49
CA GLY B 191 -21.52 -3.19 10.21
C GLY B 191 -21.04 -2.38 9.01
N ARG B 192 -20.47 -1.22 9.26
CA ARG B 192 -19.93 -0.34 8.23
C ARG B 192 -18.43 -0.64 7.95
N THR B 193 -17.78 -1.44 8.81
CA THR B 193 -16.34 -1.61 8.78
C THR B 193 -15.88 -2.81 7.96
N ASP B 194 -14.93 -2.58 7.03
CA ASP B 194 -14.29 -3.64 6.27
C ASP B 194 -12.94 -4.07 6.87
N PHE B 195 -12.15 -3.11 7.33
CA PHE B 195 -10.86 -3.39 7.97
C PHE B 195 -11.01 -2.80 9.36
N LEU B 196 -11.07 -3.67 10.37
CA LEU B 196 -11.13 -3.24 11.77
C LEU B 196 -9.74 -3.06 12.31
N VAL B 197 -9.49 -1.85 12.83
CA VAL B 197 -8.20 -1.53 13.41
C VAL B 197 -8.35 -1.27 14.90
N GLY B 198 -7.58 -2.00 15.70
CA GLY B 198 -7.54 -1.82 17.15
C GLY B 198 -6.39 -0.97 17.59
N LEU B 199 -6.71 0.19 18.15
CA LEU B 199 -5.77 1.09 18.82
C LEU B 199 -6.28 1.52 20.21
N LEU B 200 -6.76 0.52 20.97
CA LEU B 200 -7.29 0.73 22.30
C LEU B 200 -6.23 0.48 23.40
N PRO B 201 -6.32 1.19 24.53
CA PRO B 201 -5.56 0.78 25.69
C PRO B 201 -6.18 -0.49 26.29
N LEU B 202 -5.48 -1.17 27.18
CA LEU B 202 -6.04 -2.34 27.85
C LEU B 202 -6.65 -1.91 29.15
N THR B 203 -7.98 -1.95 29.26
CA THR B 203 -8.66 -1.61 30.53
C THR B 203 -9.74 -2.66 30.72
N PRO B 204 -10.46 -2.62 31.85
CA PRO B 204 -11.61 -3.53 31.96
C PRO B 204 -12.66 -3.32 30.86
N ASP B 205 -12.75 -2.13 30.29
CA ASP B 205 -13.70 -1.85 29.18
C ASP B 205 -13.26 -2.47 27.84
N THR B 206 -11.98 -2.87 27.72
CA THR B 206 -11.46 -3.40 26.46
C THR B 206 -10.90 -4.82 26.53
N ARG B 207 -11.01 -5.45 27.69
CA ARG B 207 -10.50 -6.80 27.91
C ARG B 207 -11.31 -7.77 27.06
N GLY B 208 -10.62 -8.51 26.20
CA GLY B 208 -11.25 -9.49 25.31
C GLY B 208 -12.34 -8.93 24.41
N ILE B 209 -12.27 -7.63 24.09
CA ILE B 209 -13.32 -6.98 23.27
C ILE B 209 -13.34 -7.52 21.83
N PHE B 210 -12.17 -7.91 21.29
CA PHE B 210 -12.07 -8.41 19.93
C PHE B 210 -12.30 -9.91 19.99
N ASN B 211 -13.54 -10.29 19.82
CA ASN B 211 -13.97 -11.67 20.02
C ASN B 211 -14.91 -12.11 18.89
N ALA B 212 -15.31 -13.38 18.90
CA ALA B 212 -16.07 -13.97 17.81
C ALA B 212 -17.40 -13.22 17.53
N ALA B 213 -18.11 -12.84 18.59
CA ALA B 213 -19.35 -12.10 18.45
C ALA B 213 -19.13 -10.71 17.81
N LEU B 214 -18.06 -10.03 18.20
CA LEU B 214 -17.71 -8.76 17.55
C LEU B 214 -17.37 -8.97 16.05
N PHE B 215 -16.53 -9.97 15.74
CA PHE B 215 -16.12 -10.22 14.34
C PHE B 215 -17.33 -10.54 13.44
N ALA B 216 -18.34 -11.22 14.01
CA ALA B 216 -19.54 -11.57 13.29
C ALA B 216 -20.39 -10.38 12.84
N LYS B 217 -20.17 -9.21 13.44
CA LYS B 217 -20.91 -8.01 13.09
C LYS B 217 -20.19 -7.12 12.07
N LEU B 218 -18.96 -7.47 11.70
CA LEU B 218 -18.20 -6.68 10.72
C LEU B 218 -18.81 -6.82 9.32
N SER B 219 -18.55 -5.86 8.46
CA SER B 219 -19.13 -5.91 7.11
C SER B 219 -18.57 -7.05 6.28
N ARG B 220 -19.44 -7.67 5.50
CA ARG B 220 -19.04 -8.58 4.44
C ARG B 220 -19.38 -8.00 3.09
N ASN B 221 -19.74 -6.70 3.04
CA ASN B 221 -20.15 -6.06 1.79
C ASN B 221 -19.04 -5.30 1.10
N GLY B 222 -17.85 -5.29 1.65
CA GLY B 222 -16.71 -4.63 0.99
C GLY B 222 -16.17 -5.41 -0.18
N PRO B 223 -15.16 -4.87 -0.86
CA PRO B 223 -14.69 -5.48 -2.11
C PRO B 223 -14.07 -6.87 -2.00
N PHE B 224 -13.66 -7.30 -0.81
CA PHE B 224 -13.12 -8.65 -0.63
C PHE B 224 -14.14 -9.65 -0.10
N GLY B 225 -15.36 -9.20 0.24
CA GLY B 225 -16.42 -10.08 0.74
C GLY B 225 -16.25 -10.60 2.17
N ALA B 226 -15.22 -10.15 2.87
CA ALA B 226 -14.97 -10.59 4.26
C ALA B 226 -14.07 -9.56 4.92
N PRO B 227 -14.30 -9.29 6.21
CA PRO B 227 -13.52 -8.28 6.93
C PRO B 227 -12.12 -8.77 7.32
N VAL B 228 -11.27 -7.81 7.67
CA VAL B 228 -9.92 -8.02 8.11
C VAL B 228 -9.77 -7.40 9.50
N PHE B 229 -8.98 -8.05 10.35
CA PHE B 229 -8.71 -7.59 11.71
C PHE B 229 -7.24 -7.23 11.88
N ILE B 230 -6.99 -6.02 12.36
CA ILE B 230 -5.68 -5.47 12.55
C ILE B 230 -5.62 -4.97 14.00
N ASN B 231 -4.64 -5.44 14.77
CA ASN B 231 -4.49 -5.01 16.17
C ASN B 231 -3.07 -4.69 16.51
N ALA B 232 -2.90 -3.46 17.01
CA ALA B 232 -1.64 -2.99 17.57
C ALA B 232 -1.77 -2.30 18.91
N GLY B 233 -2.86 -2.59 19.64
CA GLY B 233 -3.03 -2.10 20.99
C GLY B 233 -2.36 -3.01 22.00
N ARG B 234 -3.15 -3.87 22.64
CA ARG B 234 -2.63 -4.88 23.56
C ARG B 234 -3.28 -6.22 23.32
N GLY B 235 -2.51 -7.28 23.52
CA GLY B 235 -2.99 -8.62 23.28
C GLY B 235 -4.14 -9.03 24.17
N GLY B 236 -4.17 -8.47 25.37
CA GLY B 236 -5.26 -8.73 26.30
C GLY B 236 -6.61 -8.25 25.81
N SER B 237 -6.65 -7.41 24.76
CA SER B 237 -7.94 -6.97 24.20
C SER B 237 -8.55 -7.95 23.19
N GLN B 238 -7.84 -9.02 22.85
CA GLN B 238 -8.36 -10.02 21.87
C GLN B 238 -8.49 -11.41 22.42
N VAL B 239 -9.37 -12.21 21.84
CA VAL B 239 -9.55 -13.60 22.23
C VAL B 239 -8.98 -14.39 21.07
N GLU B 240 -7.75 -14.87 21.22
CA GLU B 240 -7.05 -15.53 20.11
C GLU B 240 -7.70 -16.76 19.57
N ALA B 241 -8.34 -17.57 20.45
CA ALA B 241 -9.05 -18.75 19.96
C ALA B 241 -10.16 -18.33 18.99
N ASP B 242 -10.80 -17.19 19.24
CA ASP B 242 -11.85 -16.69 18.36
C ASP B 242 -11.26 -16.17 17.03
N ILE B 243 -10.11 -15.50 17.09
CA ILE B 243 -9.46 -15.03 15.84
C ILE B 243 -9.18 -16.24 14.94
N LEU B 244 -8.56 -17.26 15.51
CA LEU B 244 -8.24 -18.51 14.77
C LEU B 244 -9.47 -19.17 14.18
N GLU B 245 -10.50 -19.34 14.98
CA GLU B 245 -11.75 -19.95 14.51
C GLU B 245 -12.41 -19.14 13.40
N CYS B 246 -12.37 -17.82 13.52
CA CYS B 246 -12.94 -16.93 12.51
C CYS B 246 -12.14 -16.95 11.20
N LEU B 247 -10.82 -17.06 11.30
CA LEU B 247 -9.99 -17.22 10.10
C LEU B 247 -10.26 -18.58 9.43
N ASP B 248 -10.40 -19.64 10.23
CA ASP B 248 -10.66 -20.97 9.68
C ASP B 248 -12.01 -21.02 8.98
N SER B 249 -13.01 -20.36 9.57
CA SER B 249 -14.36 -20.37 9.02
C SER B 249 -14.55 -19.37 7.88
N GLY B 250 -13.65 -18.41 7.74
CA GLY B 250 -13.82 -17.32 6.75
C GLY B 250 -14.63 -16.11 7.27
N VAL B 251 -15.02 -16.12 8.54
CA VAL B 251 -15.64 -14.93 9.16
C VAL B 251 -14.67 -13.76 9.09
N LEU B 252 -13.38 -14.00 9.34
CA LEU B 252 -12.31 -13.08 9.02
C LEU B 252 -11.59 -13.59 7.78
N GLY B 253 -11.35 -12.71 6.81
CA GLY B 253 -10.60 -13.01 5.61
C GLY B 253 -9.10 -12.93 5.76
N GLY B 254 -8.65 -12.21 6.79
CA GLY B 254 -7.24 -12.07 7.08
C GLY B 254 -7.03 -11.22 8.31
N ALA B 255 -5.76 -11.06 8.70
CA ALA B 255 -5.42 -10.29 9.90
C ALA B 255 -4.01 -9.78 9.91
N SER B 256 -3.78 -8.69 10.65
CA SER B 256 -2.43 -8.25 11.00
C SER B 256 -2.36 -8.10 12.50
N LEU B 257 -1.44 -8.84 13.11
CA LEU B 257 -1.32 -8.89 14.55
C LEU B 257 0.08 -8.56 14.95
N ASP B 258 0.20 -7.49 15.74
CA ASP B 258 1.44 -7.07 16.37
C ASP B 258 1.49 -7.42 17.85
N VAL B 259 0.36 -7.82 18.42
CA VAL B 259 0.25 -8.06 19.86
C VAL B 259 -0.51 -9.34 20.09
N PHE B 260 -0.21 -10.00 21.21
CA PHE B 260 -0.72 -11.33 21.50
C PHE B 260 -0.99 -11.49 23.00
N GLU B 261 -1.88 -12.40 23.33
CA GLU B 261 -2.29 -12.61 24.72
C GLU B 261 -1.09 -12.99 25.61
N ARG B 262 -0.20 -13.82 25.07
CA ARG B 262 1.06 -14.17 25.73
C ARG B 262 2.21 -13.89 24.76
N GLU B 263 3.06 -12.93 25.10
CA GLU B 263 4.21 -12.58 24.31
C GLU B 263 5.46 -13.05 25.08
N PRO B 264 6.50 -13.55 24.42
CA PRO B 264 6.57 -13.73 22.98
C PRO B 264 5.64 -14.83 22.48
N LEU B 265 5.10 -14.68 21.27
CA LEU B 265 4.20 -15.67 20.71
C LEU B 265 4.90 -17.00 20.59
N SER B 266 4.25 -18.05 21.10
CA SER B 266 4.80 -19.39 21.07
C SER B 266 5.16 -19.84 19.66
N PRO B 267 6.30 -20.52 19.48
CA PRO B 267 6.63 -21.12 18.18
C PRO B 267 5.60 -22.12 17.65
N GLU B 268 4.80 -22.73 18.54
CA GLU B 268 3.72 -23.64 18.14
C GLU B 268 2.43 -22.93 17.67
N SER B 269 2.34 -21.61 17.79
CA SER B 269 1.13 -20.90 17.37
C SER B 269 0.81 -21.15 15.92
N ARG B 270 -0.48 -21.34 15.63
CA ARG B 270 -0.92 -21.44 14.24
C ARG B 270 -0.82 -20.12 13.45
N PHE B 271 -0.64 -18.98 14.11
CA PHE B 271 -0.62 -17.69 13.41
C PHE B 271 0.53 -17.58 12.43
N TRP B 272 1.68 -18.16 12.79
CA TRP B 272 2.91 -18.01 11.99
C TRP B 272 2.78 -18.44 10.52
N ASP B 273 2.06 -19.52 10.23
CA ASP B 273 2.01 -20.10 8.86
C ASP B 273 0.79 -19.75 8.03
N MET B 274 -0.11 -18.94 8.56
CA MET B 274 -1.33 -18.66 7.82
C MET B 274 -1.15 -17.73 6.64
N PRO B 275 -1.81 -18.05 5.53
CA PRO B 275 -1.57 -17.33 4.30
C PRO B 275 -2.06 -15.88 4.32
N ASN B 276 -3.08 -15.56 5.13
CA ASN B 276 -3.57 -14.18 5.18
C ASN B 276 -3.38 -13.48 6.52
N VAL B 277 -2.41 -13.94 7.32
CA VAL B 277 -2.08 -13.33 8.62
C VAL B 277 -0.66 -12.81 8.60
N TYR B 278 -0.49 -11.54 8.95
CA TYR B 278 0.82 -10.95 9.13
C TYR B 278 1.15 -10.86 10.61
N VAL B 279 2.26 -11.45 11.00
CA VAL B 279 2.75 -11.41 12.41
C VAL B 279 3.97 -10.53 12.56
N THR B 280 3.89 -9.57 13.49
CA THR B 280 5.05 -8.78 13.88
C THR B 280 5.24 -8.86 15.39
N PRO B 281 6.50 -8.84 15.85
CA PRO B 281 6.77 -9.15 17.27
C PRO B 281 6.64 -7.92 18.19
N HIS B 282 5.44 -7.33 18.25
CA HIS B 282 5.19 -6.16 19.08
C HIS B 282 6.18 -5.02 18.80
N VAL B 283 6.22 -4.65 17.54
CA VAL B 283 7.11 -3.60 17.04
C VAL B 283 6.37 -2.54 16.27
N ALA B 284 5.05 -2.36 16.44
CA ALA B 284 4.37 -1.31 15.67
C ALA B 284 5.02 0.05 15.91
N ALA B 285 5.41 0.32 17.16
CA ALA B 285 6.29 1.46 17.46
C ALA B 285 7.37 1.00 18.43
N SER B 286 8.64 1.26 18.10
CA SER B 286 9.78 0.96 18.98
C SER B 286 10.37 2.29 19.41
N SER B 287 10.75 2.39 20.68
CA SER B 287 11.50 3.57 21.13
C SER B 287 12.96 3.55 20.67
N ASP B 288 13.49 4.72 20.34
CA ASP B 288 14.89 4.89 19.95
C ASP B 288 15.69 5.06 21.24
N VAL B 289 16.67 4.19 21.44
CA VAL B 289 17.35 4.06 22.73
C VAL B 289 18.27 5.27 23.02
N ARG B 290 18.77 5.91 21.96
CA ARG B 290 19.54 7.15 22.10
C ARG B 290 18.69 8.29 22.70
N ALA B 291 17.39 8.31 22.37
CA ALA B 291 16.46 9.28 22.95
C ALA B 291 16.18 9.03 24.45
N LEU B 292 16.24 7.77 24.90
CA LEU B 292 16.17 7.44 26.32
C LEU B 292 17.44 7.88 27.07
C1 GOL C . 15.49 -3.15 4.17
O1 GOL C . 14.09 -3.43 4.10
C2 GOL C . 15.95 -2.53 2.86
O2 GOL C . 17.31 -2.14 2.98
C3 GOL C . 15.88 -3.51 1.71
O3 GOL C . 14.53 -3.72 1.29
CL CL D . 12.23 15.37 -15.92
C1 GOL E . -7.12 -10.39 2.98
O1 GOL E . -5.87 -9.88 3.42
C2 GOL E . -7.76 -9.39 2.03
O2 GOL E . -9.13 -9.77 1.88
C3 GOL E . -7.08 -9.38 0.66
O3 GOL E . -5.70 -8.94 0.71
#